data_6Z4A
#
_entry.id   6Z4A
#
_cell.length_a   59.590
_cell.length_b   65.130
_cell.length_c   38.060
_cell.angle_alpha   90.00
_cell.angle_beta   90.00
_cell.angle_gamma   90.00
#
_symmetry.space_group_name_H-M   'P 21 21 2'
#
loop_
_entity.id
_entity.type
_entity.pdbx_description
1 polymer 'Spindle assembly abnormal protein 6 homolog'
2 non-polymer GLYCEROL
3 water water
#
_entity_poly.entity_id   1
_entity_poly.type   'polypeptide(L)'
_entity_poly.pdbx_seq_one_letter_code
;GPMSQVLFHQLVPLQVKCKDCEERRVSIRMSIELQSVSNPVHRKDLVIRLTDDTDPFFLYNLVISEEDFQSLKFQQGLLV
DFLAFPQKFIDLLQQCTQEHAKEIPRFLLQLVSPAAILDNSPAFLNVVETNPEKHLTHLSLKLLPGNDVEIKKF
;
_entity_poly.pdbx_strand_id   A
#
# COMPACT_ATOMS: atom_id res chain seq x y z
N GLY A 1 19.63 16.30 3.02
CA GLY A 1 18.70 15.40 2.36
C GLY A 1 17.97 14.45 3.31
N PRO A 2 16.80 13.89 2.92
CA PRO A 2 16.09 12.97 3.83
C PRO A 2 16.74 11.59 3.90
N MET A 3 16.91 11.05 5.13
CA MET A 3 17.42 9.71 5.27
C MET A 3 16.29 8.72 5.43
N SER A 4 16.39 7.53 4.83
CA SER A 4 15.33 6.53 4.90
C SER A 4 15.71 5.34 5.76
N GLN A 5 14.74 4.83 6.51
CA GLN A 5 14.88 3.58 7.22
C GLN A 5 13.81 2.66 6.66
N VAL A 6 14.21 1.50 6.18
CA VAL A 6 13.28 0.54 5.61
C VAL A 6 12.63 -0.24 6.74
N LEU A 7 11.30 -0.16 6.86
CA LEU A 7 10.53 -0.91 7.85
C LEU A 7 9.96 -2.21 7.28
N PHE A 8 9.79 -2.26 5.96
CA PHE A 8 9.23 -3.43 5.30
C PHE A 8 9.69 -3.40 3.86
N HIS A 9 10.16 -4.54 3.35
CA HIS A 9 10.58 -4.62 1.97
C HIS A 9 10.51 -6.07 1.52
N GLN A 10 9.48 -6.43 0.76
CA GLN A 10 9.42 -7.80 0.27
C GLN A 10 8.47 -7.93 -0.88
N LEU A 11 8.55 -9.07 -1.55
CA LEU A 11 7.64 -9.35 -2.64
C LEU A 11 6.28 -9.71 -2.02
N VAL A 12 5.20 -9.18 -2.59
CA VAL A 12 3.87 -9.45 -2.07
C VAL A 12 2.99 -9.86 -3.26
N PRO A 13 2.01 -10.74 -3.02
CA PRO A 13 1.07 -11.08 -4.09
C PRO A 13 0.05 -9.95 -4.16
N LEU A 14 -0.23 -9.43 -5.36
CA LEU A 14 -1.15 -8.31 -5.51
C LEU A 14 -2.18 -8.63 -6.56
N GLN A 15 -3.46 -8.41 -6.25
CA GLN A 15 -4.53 -8.56 -7.24
C GLN A 15 -4.77 -7.18 -7.80
N VAL A 16 -4.48 -6.95 -9.09
CA VAL A 16 -4.71 -5.65 -9.73
C VAL A 16 -6.08 -5.72 -10.39
N LYS A 17 -6.99 -4.79 -10.04
CA LYS A 17 -8.33 -4.81 -10.57
C LYS A 17 -8.66 -3.51 -11.27
N CYS A 18 -9.05 -3.59 -12.56
CA CYS A 18 -9.54 -2.44 -13.32
C CYS A 18 -11.02 -2.72 -13.60
N LYS A 19 -11.70 -1.76 -14.20
CA LYS A 19 -13.13 -1.89 -14.47
C LYS A 19 -13.55 -3.23 -15.07
N ASP A 20 -12.89 -3.69 -16.13
CA ASP A 20 -13.27 -4.92 -16.85
C ASP A 20 -12.28 -6.08 -16.81
N CYS A 21 -11.19 -5.97 -16.03
N CYS A 21 -11.18 -5.96 -16.05
N CYS A 21 -11.16 -5.95 -16.07
CA CYS A 21 -10.21 -7.06 -15.98
CA CYS A 21 -10.16 -7.00 -16.00
CA CYS A 21 -10.13 -6.98 -16.04
C CYS A 21 -9.42 -7.02 -14.69
C CYS A 21 -9.43 -7.01 -14.67
C CYS A 21 -9.41 -7.01 -14.68
N GLU A 22 -8.97 -8.20 -14.24
CA GLU A 22 -8.22 -8.36 -13.01
C GLU A 22 -7.04 -9.28 -13.33
N GLU A 23 -5.87 -8.97 -12.74
CA GLU A 23 -4.63 -9.69 -13.00
C GLU A 23 -3.90 -9.88 -11.67
N ARG A 24 -3.32 -11.05 -11.44
CA ARG A 24 -2.55 -11.30 -10.24
C ARG A 24 -1.10 -11.09 -10.63
N ARG A 25 -0.39 -10.25 -9.89
CA ARG A 25 1.03 -9.97 -10.11
C ARG A 25 1.73 -10.54 -8.88
N VAL A 26 2.67 -11.47 -9.07
CA VAL A 26 3.36 -12.13 -7.94
C VAL A 26 4.74 -11.54 -7.65
N SER A 27 5.26 -10.66 -8.55
CA SER A 27 6.59 -10.09 -8.35
C SER A 27 6.49 -8.61 -8.00
N ILE A 28 5.50 -8.24 -7.15
CA ILE A 28 5.37 -6.86 -6.70
C ILE A 28 6.22 -6.65 -5.48
N ARG A 29 7.16 -5.72 -5.56
CA ARG A 29 8.10 -5.37 -4.50
C ARG A 29 7.49 -4.19 -3.74
N MET A 30 7.07 -4.42 -2.50
CA MET A 30 6.43 -3.39 -1.72
C MET A 30 7.38 -2.96 -0.62
N SER A 31 7.50 -1.63 -0.41
CA SER A 31 8.32 -1.16 0.67
C SER A 31 7.61 -0.12 1.46
N ILE A 32 7.92 -0.09 2.75
CA ILE A 32 7.45 0.92 3.70
C ILE A 32 8.72 1.50 4.29
N GLU A 33 8.89 2.82 4.18
CA GLU A 33 10.09 3.48 4.69
C GLU A 33 9.69 4.63 5.59
N LEU A 34 10.48 4.88 6.62
CA LEU A 34 10.33 6.04 7.45
C LEU A 34 11.44 6.98 7.00
N GLN A 35 11.07 8.15 6.46
N GLN A 35 11.08 8.13 6.47
CA GLN A 35 11.98 9.14 5.89
CA GLN A 35 12.06 9.10 6.00
C GLN A 35 12.05 10.34 6.83
C GLN A 35 12.08 10.22 7.00
N SER A 36 13.26 10.69 7.32
CA SER A 36 13.40 11.76 8.28
C SER A 36 14.39 12.81 7.89
N VAL A 37 14.12 14.02 8.33
CA VAL A 37 15.04 15.16 8.17
C VAL A 37 15.17 15.72 9.58
N SER A 38 16.35 16.24 9.94
CA SER A 38 16.58 16.78 11.27
C SER A 38 16.87 18.27 11.27
N ASN A 39 17.58 18.78 10.25
CA ASN A 39 17.96 20.20 10.22
C ASN A 39 17.59 20.83 8.88
N PRO A 40 16.92 22.00 8.84
CA PRO A 40 16.56 22.90 9.98
C PRO A 40 15.41 22.46 10.87
N VAL A 41 14.48 21.61 10.39
CA VAL A 41 13.32 21.19 11.19
C VAL A 41 13.25 19.66 11.21
N HIS A 42 12.83 19.09 12.35
CA HIS A 42 12.69 17.63 12.50
C HIS A 42 11.36 17.24 11.89
N ARG A 43 11.37 16.31 10.91
CA ARG A 43 10.11 15.89 10.29
C ARG A 43 10.24 14.45 9.92
N LYS A 44 9.15 13.67 10.04
CA LYS A 44 9.09 12.26 9.65
C LYS A 44 7.99 12.07 8.63
N ASP A 45 8.25 11.22 7.62
CA ASP A 45 7.24 10.85 6.65
C ASP A 45 7.25 9.35 6.55
N LEU A 46 6.12 8.75 6.26
CA LEU A 46 6.07 7.33 5.93
C LEU A 46 5.90 7.25 4.41
N VAL A 47 6.71 6.44 3.74
CA VAL A 47 6.59 6.31 2.29
C VAL A 47 6.23 4.89 1.95
N ILE A 48 5.13 4.66 1.18
CA ILE A 48 4.74 3.31 0.75
C ILE A 48 5.01 3.30 -0.74
N ARG A 49 5.69 2.24 -1.23
CA ARG A 49 6.04 2.17 -2.64
C ARG A 49 5.74 0.77 -3.19
N LEU A 50 5.15 0.69 -4.39
CA LEU A 50 4.95 -0.58 -5.10
C LEU A 50 5.71 -0.48 -6.40
N THR A 51 6.57 -1.46 -6.67
CA THR A 51 7.27 -1.60 -7.96
C THR A 51 7.07 -3.04 -8.41
N ASP A 52 7.48 -3.37 -9.64
CA ASP A 52 7.30 -4.72 -10.14
C ASP A 52 8.62 -5.19 -10.71
N ASP A 53 9.18 -6.28 -10.16
CA ASP A 53 10.48 -6.79 -10.67
C ASP A 53 10.45 -7.12 -12.14
N THR A 54 9.27 -7.48 -12.70
CA THR A 54 9.18 -7.88 -14.12
C THR A 54 8.56 -6.80 -15.02
N ASP A 55 8.24 -5.59 -14.48
CA ASP A 55 7.62 -4.54 -15.28
C ASP A 55 8.09 -3.19 -14.75
N PRO A 56 8.99 -2.51 -15.47
CA PRO A 56 9.52 -1.25 -14.97
C PRO A 56 8.56 -0.07 -15.03
N PHE A 57 7.40 -0.24 -15.68
CA PHE A 57 6.45 0.88 -15.75
C PHE A 57 5.48 0.91 -14.59
N PHE A 58 5.34 -0.21 -13.86
CA PHE A 58 4.34 -0.30 -12.79
C PHE A 58 4.89 0.31 -11.54
N LEU A 59 4.40 1.51 -11.16
CA LEU A 59 4.93 2.22 -10.01
C LEU A 59 3.81 2.94 -9.33
N TYR A 60 3.69 2.78 -8.01
CA TYR A 60 2.70 3.51 -7.23
C TYR A 60 3.36 3.91 -5.91
N ASN A 61 2.92 5.03 -5.36
CA ASN A 61 3.47 5.43 -4.07
C ASN A 61 2.52 6.27 -3.28
N LEU A 62 2.81 6.39 -1.99
CA LEU A 62 2.07 7.28 -1.14
C LEU A 62 3.04 7.83 -0.09
N VAL A 63 3.08 9.15 0.10
CA VAL A 63 3.92 9.78 1.12
C VAL A 63 2.96 10.30 2.16
N ILE A 64 3.13 9.88 3.43
CA ILE A 64 2.24 10.28 4.53
C ILE A 64 3.09 11.06 5.53
N SER A 65 2.93 12.36 5.65
CA SER A 65 3.68 13.08 6.68
C SER A 65 3.05 12.84 8.05
N GLU A 66 3.88 12.92 9.11
CA GLU A 66 3.41 12.70 10.47
C GLU A 66 2.28 13.67 10.80
N GLU A 67 2.34 14.92 10.28
CA GLU A 67 1.25 15.89 10.48
C GLU A 67 0.00 15.56 9.61
N ASP A 68 0.16 15.00 8.38
CA ASP A 68 -0.97 14.60 7.52
C ASP A 68 -1.65 13.28 7.98
N PHE A 69 -0.99 12.51 8.86
CA PHE A 69 -1.54 11.23 9.29
C PHE A 69 -2.86 11.37 10.09
N GLN A 70 -3.03 12.43 10.88
CA GLN A 70 -4.26 12.56 11.65
C GLN A 70 -5.50 12.60 10.74
N SER A 71 -5.38 13.14 9.51
CA SER A 71 -6.50 13.12 8.57
C SER A 71 -6.74 11.70 8.07
N LEU A 72 -5.68 10.96 7.75
CA LEU A 72 -5.81 9.60 7.25
C LEU A 72 -6.39 8.70 8.32
N LYS A 73 -5.92 8.86 9.56
CA LYS A 73 -6.46 8.08 10.66
C LYS A 73 -7.99 8.26 10.77
N PHE A 74 -8.43 9.50 10.68
CA PHE A 74 -9.85 9.82 10.76
C PHE A 74 -10.60 9.26 9.56
N GLN A 75 -10.09 9.51 8.35
CA GLN A 75 -10.73 9.05 7.11
CA GLN A 75 -10.74 9.03 7.12
C GLN A 75 -10.87 7.51 7.11
N GLN A 76 -9.85 6.78 7.60
CA GLN A 76 -9.88 5.31 7.61
C GLN A 76 -10.46 4.70 8.88
N GLY A 77 -10.79 5.51 9.86
CA GLY A 77 -11.34 5.03 11.13
C GLY A 77 -10.34 4.19 11.89
N LEU A 78 -9.06 4.58 11.88
CA LEU A 78 -8.02 3.78 12.51
C LEU A 78 -7.89 4.11 13.97
N LEU A 79 -7.42 3.13 14.76
CA LEU A 79 -7.22 3.33 16.20
C LEU A 79 -5.76 3.63 16.52
N VAL A 80 -4.86 3.41 15.57
CA VAL A 80 -3.43 3.62 15.79
C VAL A 80 -2.98 5.03 15.46
N ASP A 81 -1.95 5.50 16.16
CA ASP A 81 -1.31 6.79 15.88
C ASP A 81 -0.18 6.54 14.84
N PHE A 82 0.46 7.61 14.37
CA PHE A 82 1.48 7.54 13.31
C PHE A 82 2.58 6.51 13.55
N LEU A 83 3.17 6.53 14.75
CA LEU A 83 4.26 5.61 15.05
C LEU A 83 3.83 4.15 15.18
N ALA A 84 2.55 3.88 15.46
CA ALA A 84 2.05 2.51 15.59
C ALA A 84 1.49 2.02 14.25
N PHE A 85 1.30 2.92 13.27
CA PHE A 85 0.70 2.51 12.01
C PHE A 85 1.57 1.52 11.20
N PRO A 86 2.89 1.70 11.08
CA PRO A 86 3.67 0.73 10.31
C PRO A 86 3.51 -0.71 10.77
N GLN A 87 3.56 -0.99 12.08
CA GLN A 87 3.43 -2.37 12.52
C GLN A 87 2.02 -2.88 12.27
N LYS A 88 1.00 -2.04 12.38
CA LYS A 88 -0.36 -2.52 12.08
C LYS A 88 -0.44 -2.94 10.61
N PHE A 89 0.10 -2.09 9.72
CA PHE A 89 0.04 -2.37 8.28
C PHE A 89 0.92 -3.59 7.94
N ILE A 90 2.11 -3.67 8.51
CA ILE A 90 3.01 -4.81 8.25
C ILE A 90 2.34 -6.11 8.73
N ASP A 91 1.67 -6.10 9.90
CA ASP A 91 1.02 -7.35 10.35
C ASP A 91 -0.04 -7.78 9.32
N LEU A 92 -0.79 -6.81 8.76
CA LEU A 92 -1.78 -7.18 7.73
C LEU A 92 -1.10 -7.73 6.49
N LEU A 93 0.04 -7.12 6.08
CA LEU A 93 0.73 -7.59 4.87
C LEU A 93 1.29 -8.97 5.09
N GLN A 94 1.76 -9.27 6.30
CA GLN A 94 2.27 -10.62 6.60
C GLN A 94 1.15 -11.65 6.49
N GLN A 95 -0.08 -11.30 6.90
CA GLN A 95 -1.22 -12.22 6.80
C GLN A 95 -1.58 -12.42 5.32
N CYS A 96 -1.48 -11.36 4.49
CA CYS A 96 -1.70 -11.49 3.04
C CYS A 96 -0.67 -12.43 2.46
N THR A 97 0.60 -12.25 2.84
CA THR A 97 1.70 -13.07 2.30
C THR A 97 1.56 -14.54 2.71
N GLN A 98 1.17 -14.82 3.96
CA GLN A 98 0.95 -16.20 4.43
C GLN A 98 -0.14 -16.93 3.66
N GLU A 99 -1.13 -16.20 3.11
CA GLU A 99 -2.22 -16.78 2.32
C GLU A 99 -1.91 -16.72 0.81
N HIS A 100 -0.64 -16.48 0.40
CA HIS A 100 -0.29 -16.31 -1.01
C HIS A 100 -0.62 -17.52 -1.88
N ALA A 101 -0.51 -18.74 -1.33
CA ALA A 101 -0.70 -19.95 -2.13
C ALA A 101 -2.14 -20.48 -2.12
N LYS A 102 -3.03 -19.91 -1.30
CA LYS A 102 -4.40 -20.39 -1.18
C LYS A 102 -5.23 -20.11 -2.41
N GLU A 103 -6.15 -21.03 -2.77
CA GLU A 103 -7.07 -20.78 -3.89
C GLU A 103 -8.08 -19.72 -3.47
N ILE A 104 -8.51 -19.74 -2.19
CA ILE A 104 -9.42 -18.76 -1.62
C ILE A 104 -8.70 -18.10 -0.43
N PRO A 105 -7.82 -17.11 -0.67
CA PRO A 105 -7.09 -16.50 0.46
C PRO A 105 -7.99 -15.80 1.51
N ARG A 106 -7.66 -15.95 2.81
CA ARG A 106 -8.40 -15.28 3.89
C ARG A 106 -8.08 -13.80 3.84
N PHE A 107 -6.82 -13.44 3.56
CA PHE A 107 -6.39 -12.06 3.48
C PHE A 107 -5.87 -11.84 2.06
N LEU A 108 -6.31 -10.72 1.42
CA LEU A 108 -5.91 -10.38 0.05
C LEU A 108 -5.42 -8.95 0.00
N LEU A 109 -4.39 -8.68 -0.81
CA LEU A 109 -3.89 -7.33 -1.03
C LEU A 109 -4.34 -7.02 -2.47
N GLN A 110 -5.07 -5.93 -2.67
N GLN A 110 -5.06 -5.91 -2.64
CA GLN A 110 -5.53 -5.61 -4.02
CA GLN A 110 -5.58 -5.53 -3.95
C GLN A 110 -5.34 -4.17 -4.34
C GLN A 110 -5.15 -4.14 -4.31
N LEU A 111 -5.06 -3.85 -5.62
CA LEU A 111 -4.87 -2.48 -6.06
C LEU A 111 -6.03 -2.29 -7.04
N VAL A 112 -6.97 -1.39 -6.71
CA VAL A 112 -8.18 -1.18 -7.51
C VAL A 112 -8.18 0.16 -8.15
N SER A 113 -8.42 0.17 -9.47
CA SER A 113 -8.56 1.37 -10.27
C SER A 113 -10.03 1.44 -10.72
N PRO A 114 -10.66 2.60 -10.61
CA PRO A 114 -12.03 2.75 -11.14
C PRO A 114 -12.06 2.80 -12.67
N ALA A 115 -10.89 3.03 -13.31
CA ALA A 115 -10.76 3.10 -14.75
C ALA A 115 -10.68 1.74 -15.40
N ALA A 116 -10.83 1.71 -16.72
CA ALA A 116 -10.68 0.46 -17.48
C ALA A 116 -9.20 0.15 -17.70
N ILE A 117 -8.32 1.12 -17.40
CA ILE A 117 -6.90 1.02 -17.68
C ILE A 117 -6.15 1.59 -16.50
N LEU A 118 -4.88 1.24 -16.35
CA LEU A 118 -4.04 1.88 -15.34
C LEU A 118 -3.48 3.14 -15.99
N ASP A 119 -3.70 4.29 -15.40
CA ASP A 119 -3.25 5.53 -16.04
C ASP A 119 -2.68 6.45 -15.00
N ASN A 120 -2.70 7.78 -15.23
CA ASN A 120 -2.15 8.74 -14.27
C ASN A 120 -3.10 9.03 -13.11
N SER A 121 -4.18 8.26 -12.94
CA SER A 121 -5.12 8.48 -11.86
C SER A 121 -4.69 7.68 -10.64
N PRO A 122 -5.19 8.06 -9.48
CA PRO A 122 -4.89 7.28 -8.28
C PRO A 122 -5.53 5.91 -8.32
N ALA A 123 -4.96 4.96 -7.57
CA ALA A 123 -5.52 3.62 -7.44
C ALA A 123 -5.53 3.30 -5.94
N PHE A 124 -6.40 2.41 -5.53
CA PHE A 124 -6.61 2.15 -4.10
C PHE A 124 -6.05 0.82 -3.68
N LEU A 125 -5.14 0.85 -2.72
CA LEU A 125 -4.49 -0.33 -2.18
C LEU A 125 -5.33 -0.79 -1.02
N ASN A 126 -5.96 -1.95 -1.14
CA ASN A 126 -6.88 -2.43 -0.12
C ASN A 126 -6.37 -3.70 0.50
N VAL A 127 -6.56 -3.85 1.83
CA VAL A 127 -6.32 -5.12 2.49
C VAL A 127 -7.69 -5.65 2.81
N VAL A 128 -8.06 -6.81 2.24
CA VAL A 128 -9.39 -7.37 2.41
C VAL A 128 -9.28 -8.70 3.14
N GLU A 129 -10.19 -8.95 4.10
CA GLU A 129 -10.27 -10.23 4.78
C GLU A 129 -11.55 -10.90 4.26
N THR A 130 -11.47 -12.19 3.89
CA THR A 130 -12.57 -12.98 3.35
C THR A 130 -13.01 -14.03 4.37
N ASN A 131 -14.33 -14.30 4.42
CA ASN A 131 -14.90 -15.31 5.30
C ASN A 131 -16.28 -15.72 4.74
N PRO A 132 -16.91 -16.83 5.21
CA PRO A 132 -18.21 -17.23 4.63
C PRO A 132 -19.33 -16.18 4.68
N GLU A 133 -19.38 -15.36 5.76
CA GLU A 133 -20.43 -14.34 5.90
C GLU A 133 -20.22 -13.15 4.96
N LYS A 134 -19.09 -12.43 5.07
CA LYS A 134 -18.83 -11.25 4.22
C LYS A 134 -17.37 -10.84 4.17
N HIS A 135 -17.03 -9.96 3.21
CA HIS A 135 -15.68 -9.43 3.03
C HIS A 135 -15.49 -8.17 3.87
N LEU A 136 -14.37 -8.06 4.61
CA LEU A 136 -14.06 -6.90 5.43
C LEU A 136 -12.86 -6.17 4.86
N THR A 137 -12.94 -4.84 4.69
CA THR A 137 -11.79 -4.03 4.21
C THR A 137 -11.13 -3.46 5.43
N HIS A 138 -9.91 -3.90 5.75
CA HIS A 138 -9.22 -3.39 6.92
C HIS A 138 -8.60 -2.04 6.68
N LEU A 139 -8.12 -1.81 5.45
CA LEU A 139 -7.44 -0.57 5.13
C LEU A 139 -7.57 -0.32 3.64
N SER A 140 -7.71 0.94 3.30
N SER A 140 -7.77 0.96 3.22
CA SER A 140 -7.69 1.40 1.94
CA SER A 140 -7.89 1.36 1.80
C SER A 140 -6.75 2.58 1.93
C SER A 140 -7.10 2.66 1.57
N LEU A 141 -5.84 2.58 1.00
CA LEU A 141 -4.93 3.71 0.85
C LEU A 141 -4.98 4.18 -0.60
N LYS A 142 -5.04 5.49 -0.81
CA LYS A 142 -5.03 6.06 -2.14
C LYS A 142 -3.59 6.27 -2.58
N LEU A 143 -3.14 5.45 -3.53
CA LEU A 143 -1.77 5.52 -4.03
C LEU A 143 -1.75 6.30 -5.33
N LEU A 144 -0.66 7.03 -5.55
CA LEU A 144 -0.51 7.80 -6.79
C LEU A 144 0.38 7.06 -7.73
N PRO A 145 0.13 7.13 -9.05
CA PRO A 145 1.03 6.45 -9.99
C PRO A 145 2.37 7.17 -9.99
N GLY A 146 3.41 6.41 -10.22
CA GLY A 146 4.77 6.90 -10.25
C GLY A 146 5.49 6.64 -8.95
N ASN A 147 6.72 7.12 -8.87
CA ASN A 147 7.53 6.91 -7.69
C ASN A 147 7.45 8.16 -6.81
N ASP A 148 7.85 8.05 -5.55
CA ASP A 148 7.86 9.22 -4.66
C ASP A 148 8.97 10.22 -5.09
N VAL A 149 10.07 9.72 -5.69
CA VAL A 149 11.16 10.60 -6.13
C VAL A 149 11.37 10.43 -7.62
N GLU A 150 11.91 11.46 -8.28
CA GLU A 150 12.15 11.45 -9.73
C GLU A 150 13.02 10.29 -10.20
N ILE A 151 12.60 9.64 -11.31
CA ILE A 151 13.23 8.48 -11.93
C ILE A 151 13.11 7.27 -10.98
#